data_1AHH
#
_entry.id   1AHH
#
_cell.length_a   81.660
_cell.length_b   81.660
_cell.length_c   214.600
_cell.angle_alpha   90.00
_cell.angle_beta   90.00
_cell.angle_gamma   90.00
#
_symmetry.space_group_name_H-M   'P 41 21 2'
#
loop_
_entity.id
_entity.type
_entity.pdbx_description
1 polymer '7 ALPHA-HYDROXYSTEROID DEHYDROGENASE'
2 non-polymer NICOTINAMIDE-ADENINE-DINUCLEOTIDE
3 water water
#
_entity_poly.entity_id   1
_entity_poly.type   'polypeptide(L)'
_entity_poly.pdbx_seq_one_letter_code
;MFNSDNLRLDGKCAIITGAGAGIGKEIAITFATAGASVVVSDINADAANHVVDEIQQLGGQAFACRCDITSEQELSALAD
FAISKLGKVDILVNNAGGGGPKPFDMPMADFRRAYELNVFSFFHLSQLVAPEMEKNGGGVILTITSMAAENKNINMTSYA
SSKAAASHLVRNMAFDLGEKNIRVNGIAPGAILTDALKSVITPEIEQKMLQHTPIRRLGQPQDIANAALFLCSPAASWVS
GQILTVSGGGVQELN
;
_entity_poly.pdbx_strand_id   A,B
#
loop_
_chem_comp.id
_chem_comp.type
_chem_comp.name
_chem_comp.formula
NAD non-polymer NICOTINAMIDE-ADENINE-DINUCLEOTIDE 'C21 H27 N7 O14 P2'
#
# COMPACT_ATOMS: atom_id res chain seq x y z
N MET A 1 -25.90 12.42 26.98
CA MET A 1 -25.17 12.65 28.24
C MET A 1 -24.14 11.58 28.43
N PHE A 2 -23.14 11.88 29.27
CA PHE A 2 -22.05 10.96 29.55
C PHE A 2 -22.61 9.65 30.09
N ASN A 3 -21.96 8.54 29.76
CA ASN A 3 -22.37 7.21 30.23
C ASN A 3 -21.14 6.32 30.21
N SER A 4 -20.50 6.22 31.35
CA SER A 4 -19.30 5.45 31.51
C SER A 4 -19.29 4.04 30.93
N ASP A 5 -20.42 3.34 30.99
CA ASP A 5 -20.49 1.97 30.47
C ASP A 5 -20.33 1.90 28.94
N ASN A 6 -20.51 3.02 28.27
CA ASN A 6 -20.32 3.09 26.84
C ASN A 6 -18.84 3.14 26.55
N LEU A 7 -18.03 3.46 27.54
CA LEU A 7 -16.60 3.53 27.37
C LEU A 7 -15.92 2.24 27.80
N ARG A 8 -16.70 1.20 28.07
CA ARG A 8 -16.14 -0.09 28.52
C ARG A 8 -16.48 -1.26 27.59
N LEU A 9 -15.70 -2.33 27.72
CA LEU A 9 -15.85 -3.54 26.91
C LEU A 9 -16.42 -4.72 27.66
N ASP A 10 -17.41 -4.49 28.53
CA ASP A 10 -18.02 -5.54 29.32
C ASP A 10 -18.72 -6.62 28.50
N GLY A 11 -18.26 -7.85 28.65
CA GLY A 11 -18.84 -8.95 27.92
C GLY A 11 -18.29 -9.14 26.51
N LYS A 12 -17.25 -8.39 26.15
CA LYS A 12 -16.65 -8.50 24.83
C LYS A 12 -15.47 -9.46 24.84
N CYS A 13 -15.25 -10.11 23.71
CA CYS A 13 -14.12 -11.03 23.56
C CYS A 13 -13.18 -10.46 22.48
N ALA A 14 -11.92 -10.24 22.86
CA ALA A 14 -10.96 -9.63 21.93
C ALA A 14 -9.73 -10.44 21.67
N ILE A 15 -9.28 -10.41 20.42
CA ILE A 15 -8.05 -11.08 20.03
C ILE A 15 -7.04 -9.95 19.92
N ILE A 16 -5.85 -10.09 20.50
CA ILE A 16 -4.87 -9.02 20.38
C ILE A 16 -3.57 -9.61 19.92
N THR A 17 -3.28 -9.36 18.66
CA THR A 17 -2.11 -9.84 17.98
C THR A 17 -0.84 -9.13 18.45
N GLY A 18 0.20 -9.90 18.70
CA GLY A 18 1.46 -9.34 19.16
C GLY A 18 1.31 -8.57 20.45
N ALA A 19 0.57 -9.15 21.39
CA ALA A 19 0.34 -8.47 22.67
C ALA A 19 1.24 -8.86 23.82
N GLY A 20 2.31 -9.58 23.53
CA GLY A 20 3.22 -10.01 24.57
C GLY A 20 4.12 -8.92 25.09
N ALA A 21 4.19 -7.83 24.34
CA ALA A 21 5.00 -6.70 24.73
C ALA A 21 4.61 -5.42 24.00
N GLY A 22 5.15 -4.32 24.51
CA GLY A 22 4.93 -3.01 23.93
C GLY A 22 3.51 -2.53 23.92
N ILE A 23 3.18 -1.73 22.90
CA ILE A 23 1.84 -1.18 22.72
C ILE A 23 0.81 -2.28 22.85
N GLY A 24 1.10 -3.43 22.25
CA GLY A 24 0.21 -4.58 22.27
C GLY A 24 -0.11 -5.05 23.68
N LYS A 25 0.88 -5.00 24.57
CA LYS A 25 0.66 -5.44 25.93
C LYS A 25 -0.31 -4.53 26.67
N GLU A 26 -0.18 -3.23 26.43
CA GLU A 26 -1.03 -2.25 27.07
C GLU A 26 -2.48 -2.35 26.60
N ILE A 27 -2.67 -2.63 25.32
CA ILE A 27 -4.02 -2.74 24.80
C ILE A 27 -4.71 -3.90 25.50
N ALA A 28 -4.02 -5.03 25.59
CA ALA A 28 -4.54 -6.23 26.24
C ALA A 28 -4.98 -5.95 27.67
N ILE A 29 -4.06 -5.43 28.46
CA ILE A 29 -4.35 -5.11 29.85
C ILE A 29 -5.47 -4.08 29.94
N THR A 30 -5.33 -2.95 29.25
CA THR A 30 -6.37 -1.94 29.27
C THR A 30 -7.75 -2.47 28.86
N PHE A 31 -7.79 -3.44 27.96
CA PHE A 31 -9.06 -4.00 27.50
C PHE A 31 -9.67 -4.90 28.55
N ALA A 32 -8.85 -5.73 29.17
CA ALA A 32 -9.31 -6.65 30.22
C ALA A 32 -9.78 -5.85 31.42
N THR A 33 -9.10 -4.75 31.70
CA THR A 33 -9.43 -3.87 32.80
C THR A 33 -10.73 -3.11 32.50
N ALA A 34 -11.19 -3.15 31.25
CA ALA A 34 -12.42 -2.47 30.90
C ALA A 34 -13.51 -3.50 30.69
N GLY A 35 -13.24 -4.73 31.10
CA GLY A 35 -14.24 -5.78 31.00
C GLY A 35 -14.32 -6.85 29.94
N ALA A 36 -13.35 -6.92 29.03
CA ALA A 36 -13.38 -7.92 27.96
C ALA A 36 -12.44 -9.10 28.18
N SER A 37 -12.86 -10.28 27.73
CA SER A 37 -12.04 -11.48 27.81
C SER A 37 -11.02 -11.32 26.70
N VAL A 38 -9.79 -11.71 26.95
CA VAL A 38 -8.73 -11.51 25.97
C VAL A 38 -7.87 -12.72 25.61
N VAL A 39 -7.52 -12.86 24.33
CA VAL A 39 -6.60 -13.90 23.91
C VAL A 39 -5.36 -13.09 23.56
N VAL A 40 -4.27 -13.34 24.28
CA VAL A 40 -3.01 -12.65 24.08
C VAL A 40 -2.12 -13.50 23.17
N SER A 41 -2.02 -13.07 21.91
CA SER A 41 -1.21 -13.77 20.92
C SER A 41 0.16 -13.13 20.76
N ASP A 42 1.17 -13.97 20.52
CA ASP A 42 2.54 -13.51 20.34
C ASP A 42 3.44 -14.70 19.98
N ILE A 43 4.52 -14.43 19.25
CA ILE A 43 5.44 -15.48 18.89
C ILE A 43 6.25 -15.89 20.12
N ASN A 44 6.53 -14.93 20.99
CA ASN A 44 7.30 -15.23 22.20
C ASN A 44 6.38 -15.65 23.35
N ALA A 45 5.97 -16.92 23.34
CA ALA A 45 5.08 -17.49 24.33
C ALA A 45 5.30 -17.07 25.76
N ASP A 46 6.55 -17.08 26.21
CA ASP A 46 6.82 -16.67 27.57
C ASP A 46 6.28 -15.26 27.83
N ALA A 47 6.43 -14.37 26.86
CA ALA A 47 5.94 -13.00 26.98
C ALA A 47 4.42 -13.03 27.05
N ALA A 48 3.79 -13.74 26.12
CA ALA A 48 2.33 -13.84 26.09
C ALA A 48 1.81 -14.33 27.44
N ASN A 49 2.47 -15.35 27.98
CA ASN A 49 2.11 -15.94 29.26
C ASN A 49 2.28 -15.01 30.42
N HIS A 50 3.26 -14.12 30.35
CA HIS A 50 3.46 -13.19 31.45
C HIS A 50 2.28 -12.22 31.50
N VAL A 51 1.91 -11.73 30.34
CA VAL A 51 0.81 -10.79 30.21
C VAL A 51 -0.45 -11.41 30.79
N VAL A 52 -0.66 -12.70 30.49
CA VAL A 52 -1.83 -13.41 31.01
C VAL A 52 -1.90 -13.47 32.55
N ASP A 53 -0.82 -13.89 33.22
CA ASP A 53 -0.92 -13.91 34.66
C ASP A 53 -1.11 -12.48 35.13
N GLU A 54 -0.41 -11.56 34.49
CA GLU A 54 -0.50 -10.16 34.88
C GLU A 54 -1.92 -9.62 34.83
N ILE A 55 -2.73 -10.13 33.91
CA ILE A 55 -4.11 -9.70 33.76
C ILE A 55 -4.96 -10.33 34.86
N GLN A 56 -4.63 -11.55 35.23
CA GLN A 56 -5.34 -12.27 36.27
C GLN A 56 -5.04 -11.63 37.62
N GLN A 57 -3.81 -11.11 37.78
CA GLN A 57 -3.44 -10.45 39.03
C GLN A 57 -4.32 -9.23 39.24
N LEU A 58 -5.03 -8.87 38.18
CA LEU A 58 -5.93 -7.72 38.18
C LEU A 58 -7.37 -8.21 38.14
N GLY A 59 -7.56 -9.50 37.94
CA GLY A 59 -8.91 -10.03 37.90
C GLY A 59 -9.52 -10.19 36.52
N GLY A 60 -8.78 -9.83 35.47
CA GLY A 60 -9.32 -10.01 34.13
C GLY A 60 -9.04 -11.44 33.71
N GLN A 61 -9.67 -11.91 32.65
CA GLN A 61 -9.40 -13.26 32.18
C GLN A 61 -8.78 -13.26 30.78
N ALA A 62 -7.54 -13.74 30.70
CA ALA A 62 -6.83 -13.78 29.45
C ALA A 62 -6.42 -15.22 29.18
N PHE A 63 -6.04 -15.50 27.94
CA PHE A 63 -5.59 -16.83 27.56
C PHE A 63 -4.41 -16.59 26.62
N ALA A 64 -3.40 -17.45 26.69
CA ALA A 64 -2.25 -17.26 25.82
C ALA A 64 -2.28 -18.21 24.64
N CYS A 65 -1.72 -17.74 23.54
CA CYS A 65 -1.64 -18.52 22.31
C CYS A 65 -0.41 -18.03 21.56
N ARG A 66 0.47 -18.95 21.19
CA ARG A 66 1.63 -18.57 20.42
C ARG A 66 1.10 -18.54 18.99
N CYS A 67 1.54 -17.57 18.22
CA CYS A 67 1.06 -17.50 16.86
C CYS A 67 1.88 -16.56 16.03
N ASP A 68 2.47 -17.13 14.98
CA ASP A 68 3.25 -16.35 14.06
C ASP A 68 2.17 -15.83 13.13
N ILE A 69 1.97 -14.52 13.15
CA ILE A 69 0.98 -13.90 12.29
C ILE A 69 1.28 -14.10 10.80
N THR A 70 2.52 -14.41 10.44
CA THR A 70 2.88 -14.60 9.04
C THR A 70 2.59 -16.00 8.49
N SER A 71 2.11 -16.90 9.35
CA SER A 71 1.80 -18.25 8.93
C SER A 71 0.27 -18.48 8.83
N GLU A 72 -0.24 -18.59 7.62
CA GLU A 72 -1.67 -18.79 7.44
C GLU A 72 -2.20 -19.88 8.34
N GLN A 73 -1.43 -20.95 8.50
CA GLN A 73 -1.84 -22.08 9.33
C GLN A 73 -1.99 -21.66 10.79
N GLU A 74 -1.11 -20.79 11.26
CA GLU A 74 -1.18 -20.39 12.65
C GLU A 74 -2.33 -19.39 12.88
N LEU A 75 -2.68 -18.64 11.84
CA LEU A 75 -3.75 -17.65 11.95
C LEU A 75 -5.13 -18.31 12.11
N SER A 76 -5.38 -19.36 11.35
CA SER A 76 -6.66 -20.06 11.45
C SER A 76 -6.70 -20.75 12.80
N ALA A 77 -5.53 -21.21 13.24
CA ALA A 77 -5.44 -21.89 14.51
C ALA A 77 -5.74 -20.89 15.62
N LEU A 78 -5.18 -19.70 15.51
CA LEU A 78 -5.38 -18.65 16.48
C LEU A 78 -6.87 -18.41 16.60
N ALA A 79 -7.52 -18.30 15.44
CA ALA A 79 -8.94 -18.02 15.36
C ALA A 79 -9.81 -19.11 16.01
N ASP A 80 -9.57 -20.37 15.65
CA ASP A 80 -10.32 -21.50 16.20
C ASP A 80 -10.12 -21.57 17.71
N PHE A 81 -8.88 -21.32 18.14
CA PHE A 81 -8.52 -21.34 19.54
C PHE A 81 -9.21 -20.21 20.30
N ALA A 82 -9.35 -19.06 19.66
CA ALA A 82 -9.98 -17.92 20.31
C ALA A 82 -11.49 -18.15 20.46
N ILE A 83 -12.12 -18.69 19.43
CA ILE A 83 -13.55 -18.93 19.49
C ILE A 83 -13.86 -20.04 20.48
N SER A 84 -12.87 -20.86 20.79
CA SER A 84 -13.08 -21.96 21.73
C SER A 84 -12.86 -21.49 23.15
N LYS A 85 -11.80 -20.71 23.35
CA LYS A 85 -11.47 -20.19 24.66
C LYS A 85 -12.43 -19.11 25.16
N LEU A 86 -12.79 -18.17 24.28
CA LEU A 86 -13.68 -17.06 24.65
C LEU A 86 -15.16 -17.25 24.29
N GLY A 87 -15.44 -18.16 23.37
CA GLY A 87 -16.82 -18.40 22.97
C GLY A 87 -17.27 -17.59 21.75
N LYS A 88 -16.60 -16.48 21.50
CA LYS A 88 -16.96 -15.64 20.38
C LYS A 88 -15.85 -14.61 20.19
N VAL A 89 -15.91 -13.87 19.09
CA VAL A 89 -14.92 -12.84 18.81
C VAL A 89 -15.66 -11.56 18.48
N ASP A 90 -15.48 -10.55 19.31
CA ASP A 90 -16.14 -9.27 19.11
C ASP A 90 -15.15 -8.27 18.58
N ILE A 91 -13.95 -8.32 19.12
CA ILE A 91 -12.95 -7.36 18.75
C ILE A 91 -11.68 -8.04 18.24
N LEU A 92 -11.09 -7.45 17.20
CA LEU A 92 -9.82 -7.93 16.66
C LEU A 92 -8.93 -6.72 16.64
N VAL A 93 -7.84 -6.73 17.39
CA VAL A 93 -6.91 -5.62 17.26
C VAL A 93 -5.61 -6.23 16.74
N ASN A 94 -5.36 -5.93 15.47
CA ASN A 94 -4.21 -6.39 14.71
C ASN A 94 -3.03 -5.47 14.98
N ASN A 95 -2.34 -5.76 16.10
CA ASN A 95 -1.19 -4.98 16.56
C ASN A 95 0.16 -5.39 15.96
N ALA A 96 0.44 -6.69 15.99
CA ALA A 96 1.70 -7.17 15.45
C ALA A 96 1.93 -6.67 14.04
N GLY A 97 3.19 -6.50 13.71
CA GLY A 97 3.54 -6.04 12.40
C GLY A 97 4.93 -5.49 12.54
N GLY A 98 5.32 -4.62 11.62
CA GLY A 98 6.65 -4.04 11.71
C GLY A 98 7.35 -3.78 10.40
N GLY A 99 8.57 -4.29 10.32
CA GLY A 99 9.44 -4.07 9.19
C GLY A 99 10.25 -2.87 9.68
N GLY A 100 11.16 -2.33 8.88
CA GLY A 100 11.91 -1.19 9.37
C GLY A 100 12.59 -0.45 8.25
N PRO A 101 13.34 0.61 8.56
CA PRO A 101 14.00 1.32 7.47
C PRO A 101 14.95 0.34 6.78
N LYS A 102 15.01 0.42 5.45
CA LYS A 102 15.88 -0.47 4.68
C LYS A 102 16.38 0.22 3.44
N PRO A 103 17.57 -0.18 2.95
CA PRO A 103 18.12 0.45 1.75
C PRO A 103 17.32 0.02 0.55
N PHE A 104 17.37 0.83 -0.49
CA PHE A 104 16.66 0.55 -1.72
C PHE A 104 17.05 -0.78 -2.31
N ASP A 105 18.29 -1.19 -2.12
CA ASP A 105 18.73 -2.45 -2.67
C ASP A 105 18.71 -3.64 -1.74
N MET A 106 17.76 -3.65 -0.82
CA MET A 106 17.58 -4.77 0.11
C MET A 106 17.19 -5.94 -0.80
N PRO A 107 17.40 -7.19 -0.36
CA PRO A 107 16.98 -8.26 -1.27
C PRO A 107 15.46 -8.20 -1.33
N MET A 108 14.86 -8.80 -2.35
CA MET A 108 13.40 -8.78 -2.46
C MET A 108 12.77 -9.47 -1.27
N ALA A 109 13.45 -10.47 -0.74
CA ALA A 109 12.93 -11.17 0.41
C ALA A 109 12.57 -10.17 1.52
N ASP A 110 13.45 -9.19 1.74
CA ASP A 110 13.20 -8.18 2.77
C ASP A 110 11.95 -7.39 2.43
N PHE A 111 11.77 -7.10 1.15
CA PHE A 111 10.61 -6.34 0.73
C PHE A 111 9.31 -7.12 0.92
N ARG A 112 9.30 -8.34 0.41
CA ARG A 112 8.12 -9.17 0.51
C ARG A 112 7.66 -9.38 1.95
N ARG A 113 8.62 -9.45 2.87
CA ARG A 113 8.36 -9.65 4.29
C ARG A 113 7.50 -8.58 4.97
N ALA A 114 7.79 -7.31 4.68
CA ALA A 114 7.03 -6.22 5.26
C ALA A 114 5.54 -6.41 4.97
N TYR A 115 5.27 -6.97 3.81
CA TYR A 115 3.92 -7.19 3.39
C TYR A 115 3.25 -8.31 4.14
N GLU A 116 4.04 -9.32 4.50
CA GLU A 116 3.55 -10.49 5.24
C GLU A 116 3.09 -10.04 6.61
N LEU A 117 3.89 -9.17 7.21
CA LEU A 117 3.62 -8.65 8.53
C LEU A 117 2.51 -7.60 8.60
N ASN A 118 2.70 -6.51 7.85
CA ASN A 118 1.77 -5.39 7.83
C ASN A 118 0.50 -5.52 7.00
N VAL A 119 0.52 -6.31 5.93
CA VAL A 119 -0.65 -6.41 5.04
C VAL A 119 -1.41 -7.75 4.91
N PHE A 120 -0.70 -8.80 4.51
CA PHE A 120 -1.32 -10.12 4.30
C PHE A 120 -1.90 -10.80 5.52
N SER A 121 -1.13 -10.85 6.61
CA SER A 121 -1.58 -11.47 7.86
C SER A 121 -2.84 -10.73 8.36
N PHE A 122 -2.76 -9.42 8.41
CA PHE A 122 -3.87 -8.56 8.80
C PHE A 122 -5.11 -8.91 7.97
N PHE A 123 -4.94 -9.02 6.65
CA PHE A 123 -6.05 -9.35 5.76
C PHE A 123 -6.54 -10.79 5.88
N HIS A 124 -5.64 -11.73 6.04
CA HIS A 124 -6.10 -13.08 6.19
C HIS A 124 -6.85 -13.23 7.54
N LEU A 125 -6.31 -12.69 8.63
CA LEU A 125 -6.93 -12.78 9.96
C LEU A 125 -8.34 -12.16 9.99
N SER A 126 -8.53 -11.05 9.29
CA SER A 126 -9.85 -10.43 9.24
C SER A 126 -10.81 -11.38 8.53
N GLN A 127 -10.34 -12.03 7.47
CA GLN A 127 -11.17 -12.97 6.72
C GLN A 127 -11.63 -14.12 7.59
N LEU A 128 -10.77 -14.50 8.52
CA LEU A 128 -11.06 -15.57 9.44
C LEU A 128 -12.07 -15.17 10.54
N VAL A 129 -11.90 -13.99 11.14
CA VAL A 129 -12.81 -13.56 12.18
C VAL A 129 -14.13 -12.96 11.67
N ALA A 130 -14.07 -12.30 10.52
CA ALA A 130 -15.24 -11.66 9.94
C ALA A 130 -16.48 -12.54 10.02
N PRO A 131 -16.37 -13.83 9.65
CA PRO A 131 -17.54 -14.71 9.70
C PRO A 131 -18.10 -14.87 11.11
N GLU A 132 -17.22 -14.88 12.10
CA GLU A 132 -17.64 -14.99 13.47
C GLU A 132 -18.36 -13.71 13.90
N MET A 133 -17.77 -12.57 13.60
CA MET A 133 -18.38 -11.30 13.98
C MET A 133 -19.74 -11.15 13.30
N GLU A 134 -19.82 -11.55 12.04
CA GLU A 134 -21.08 -11.47 11.32
C GLU A 134 -22.13 -12.37 11.95
N LYS A 135 -21.70 -13.44 12.62
CA LYS A 135 -22.65 -14.39 13.21
C LYS A 135 -23.35 -13.73 14.38
N ASN A 136 -22.56 -12.95 15.12
CA ASN A 136 -23.05 -12.26 16.30
C ASN A 136 -23.69 -10.90 16.01
N GLY A 137 -23.75 -10.54 14.74
CA GLY A 137 -24.37 -9.29 14.36
C GLY A 137 -23.49 -8.06 14.39
N GLY A 138 -22.18 -8.25 14.43
CA GLY A 138 -21.31 -7.10 14.46
C GLY A 138 -19.97 -7.36 15.10
N GLY A 139 -19.07 -6.39 15.01
CA GLY A 139 -17.76 -6.56 15.58
C GLY A 139 -16.93 -5.34 15.23
N VAL A 140 -15.67 -5.36 15.63
CA VAL A 140 -14.76 -4.25 15.39
C VAL A 140 -13.37 -4.79 15.12
N ILE A 141 -12.73 -4.24 14.10
CA ILE A 141 -11.39 -4.62 13.72
C ILE A 141 -10.58 -3.35 13.88
N LEU A 142 -9.40 -3.46 14.48
CA LEU A 142 -8.54 -2.30 14.67
C LEU A 142 -7.13 -2.73 14.34
N THR A 143 -6.44 -2.00 13.47
CA THR A 143 -5.05 -2.33 13.11
C THR A 143 -4.14 -1.22 13.53
N ILE A 144 -2.94 -1.57 13.95
CA ILE A 144 -2.01 -0.53 14.32
C ILE A 144 -1.15 -0.31 13.10
N THR A 145 -1.25 0.86 12.48
CA THR A 145 -0.42 1.13 11.32
C THR A 145 0.85 1.91 11.71
N SER A 146 1.05 3.08 11.13
CA SER A 146 2.23 3.84 11.43
C SER A 146 2.18 5.15 10.66
N MET A 147 3.01 6.09 11.06
CA MET A 147 3.03 7.37 10.39
C MET A 147 3.77 7.32 9.08
N ALA A 148 4.55 6.25 8.90
CA ALA A 148 5.29 6.04 7.66
C ALA A 148 4.29 5.98 6.52
N ALA A 149 3.06 5.60 6.85
CA ALA A 149 1.98 5.47 5.89
C ALA A 149 1.64 6.81 5.25
N GLU A 150 2.04 7.90 5.91
CA GLU A 150 1.79 9.25 5.39
C GLU A 150 3.05 10.10 5.19
N ASN A 151 4.18 9.69 5.74
CA ASN A 151 5.39 10.47 5.53
C ASN A 151 6.23 9.87 4.43
N LYS A 152 7.26 10.60 4.04
CA LYS A 152 8.19 10.12 3.03
C LYS A 152 9.58 10.53 3.49
N ASN A 153 10.48 9.56 3.47
CA ASN A 153 11.86 9.80 3.87
C ASN A 153 12.76 8.71 3.26
N ILE A 154 14.08 8.88 3.37
CA ILE A 154 14.99 7.90 2.82
C ILE A 154 14.98 6.58 3.60
N ASN A 155 15.17 5.47 2.90
CA ASN A 155 15.24 4.15 3.51
C ASN A 155 13.95 3.67 4.12
N MET A 156 12.83 4.05 3.52
CA MET A 156 11.54 3.64 4.03
C MET A 156 10.68 2.93 3.00
N THR A 157 11.25 2.61 1.84
CA THR A 157 10.47 1.98 0.77
C THR A 157 9.51 0.88 1.13
N SER A 158 9.98 -0.18 1.79
CA SER A 158 9.08 -1.29 2.13
C SER A 158 8.12 -0.99 3.28
N TYR A 159 8.69 -0.60 4.43
CA TYR A 159 7.91 -0.29 5.61
C TYR A 159 6.83 0.73 5.27
N ALA A 160 7.24 1.86 4.73
CA ALA A 160 6.27 2.89 4.38
C ALA A 160 5.23 2.37 3.36
N SER A 161 5.68 1.72 2.28
CA SER A 161 4.73 1.21 1.29
C SER A 161 3.75 0.22 1.90
N SER A 162 4.21 -0.65 2.79
CA SER A 162 3.30 -1.63 3.39
C SER A 162 2.29 -1.01 4.35
N LYS A 163 2.75 -0.14 5.24
CA LYS A 163 1.86 0.53 6.15
C LYS A 163 0.79 1.33 5.40
N ALA A 164 1.15 1.86 4.24
CA ALA A 164 0.21 2.63 3.44
C ALA A 164 -0.85 1.69 2.89
N ALA A 165 -0.43 0.51 2.46
CA ALA A 165 -1.34 -0.47 1.94
C ALA A 165 -2.38 -0.78 3.01
N ALA A 166 -1.90 -1.08 4.22
CA ALA A 166 -2.76 -1.39 5.37
C ALA A 166 -3.74 -0.27 5.73
N SER A 167 -3.28 0.98 5.74
CA SER A 167 -4.17 2.09 5.99
C SER A 167 -5.25 2.17 4.92
N HIS A 168 -4.89 2.01 3.64
CA HIS A 168 -5.90 2.08 2.60
C HIS A 168 -6.84 0.91 2.59
N LEU A 169 -6.36 -0.26 3.03
CA LEU A 169 -7.18 -1.46 3.10
C LEU A 169 -8.28 -1.14 4.14
N VAL A 170 -7.90 -0.48 5.24
CA VAL A 170 -8.85 -0.10 6.28
C VAL A 170 -10.03 0.69 5.68
N ARG A 171 -9.70 1.67 4.85
CA ARG A 171 -10.71 2.49 4.23
C ARG A 171 -11.68 1.76 3.33
N ASN A 172 -11.18 0.71 2.69
CA ASN A 172 -12.02 -0.07 1.77
C ASN A 172 -12.70 -1.25 2.44
N MET A 173 -11.98 -1.92 3.32
CA MET A 173 -12.52 -3.04 4.07
C MET A 173 -13.75 -2.54 4.84
N ALA A 174 -13.71 -1.28 5.27
CA ALA A 174 -14.85 -0.66 5.97
C ALA A 174 -16.13 -0.83 5.15
N PHE A 175 -16.00 -0.91 3.83
CA PHE A 175 -17.17 -1.08 2.96
C PHE A 175 -17.64 -2.55 2.88
N ASP A 176 -16.71 -3.47 2.66
CA ASP A 176 -17.06 -4.88 2.55
C ASP A 176 -17.70 -5.38 3.84
N LEU A 177 -17.04 -5.08 4.96
CA LEU A 177 -17.45 -5.47 6.31
C LEU A 177 -18.66 -4.69 6.86
N GLY A 178 -18.85 -3.47 6.39
CA GLY A 178 -19.96 -2.63 6.81
C GLY A 178 -21.28 -3.34 6.71
N GLU A 179 -21.43 -4.16 5.67
CA GLU A 179 -22.67 -4.93 5.48
C GLU A 179 -22.88 -5.92 6.61
N LYS A 180 -21.79 -6.45 7.11
CA LYS A 180 -21.83 -7.43 8.19
C LYS A 180 -21.85 -6.67 9.51
N ASN A 181 -22.09 -5.36 9.41
CA ASN A 181 -22.12 -4.49 10.58
C ASN A 181 -20.86 -4.51 11.43
N ILE A 182 -19.72 -4.59 10.75
CA ILE A 182 -18.41 -4.60 11.40
C ILE A 182 -17.71 -3.27 11.09
N ARG A 183 -17.19 -2.61 12.11
CA ARG A 183 -16.47 -1.37 11.92
C ARG A 183 -15.00 -1.75 11.80
N VAL A 184 -14.26 -0.98 11.01
CA VAL A 184 -12.81 -1.20 10.79
C VAL A 184 -12.15 0.17 10.89
N ASN A 185 -11.17 0.31 11.80
CA ASN A 185 -10.41 1.55 12.00
C ASN A 185 -8.93 1.22 12.25
N GLY A 186 -8.08 2.22 12.18
CA GLY A 186 -6.66 2.01 12.43
C GLY A 186 -6.16 3.15 13.26
N ILE A 187 -4.94 3.05 13.76
CA ILE A 187 -4.30 4.08 14.59
C ILE A 187 -2.84 4.07 14.13
N ALA A 188 -2.26 5.26 13.97
CA ALA A 188 -0.88 5.41 13.53
C ALA A 188 -0.04 5.98 14.66
N PRO A 189 0.63 5.10 15.40
CA PRO A 189 1.45 5.56 16.50
C PRO A 189 2.59 6.45 16.05
N GLY A 190 2.95 7.40 16.88
CA GLY A 190 4.09 8.26 16.61
C GLY A 190 5.26 7.51 17.25
N ALA A 191 6.22 8.21 17.82
CA ALA A 191 7.36 7.52 18.43
C ALA A 191 7.00 7.04 19.81
N ILE A 192 6.46 5.84 19.90
CA ILE A 192 6.07 5.32 21.19
C ILE A 192 7.28 4.78 21.92
N LEU A 193 7.46 5.26 23.14
CA LEU A 193 8.56 4.83 23.98
C LEU A 193 8.23 3.46 24.57
N THR A 194 8.13 2.44 23.71
CA THR A 194 7.87 1.10 24.17
C THR A 194 9.14 0.74 24.95
N ASP A 195 9.01 -0.09 25.99
CA ASP A 195 10.17 -0.44 26.81
C ASP A 195 11.49 -0.65 26.07
N ALA A 196 11.40 -1.11 24.83
CA ALA A 196 12.59 -1.32 24.00
C ALA A 196 13.28 0.02 23.72
N LEU A 197 12.57 0.94 23.07
CA LEU A 197 13.14 2.25 22.77
C LEU A 197 13.59 2.87 24.07
N LYS A 198 12.74 2.72 25.09
CA LYS A 198 12.98 3.24 26.44
C LYS A 198 14.34 2.86 27.02
N SER A 199 14.84 1.68 26.67
CA SER A 199 16.12 1.20 27.17
C SER A 199 17.33 1.78 26.41
N VAL A 200 17.16 1.96 25.11
CA VAL A 200 18.24 2.48 24.27
C VAL A 200 18.32 4.01 24.22
N ILE A 201 17.19 4.66 23.93
CA ILE A 201 17.09 6.12 23.80
C ILE A 201 17.89 6.96 24.81
N THR A 202 18.79 7.78 24.27
CA THR A 202 19.63 8.67 25.08
C THR A 202 18.91 10.00 25.23
N PRO A 203 19.08 10.66 26.38
CA PRO A 203 18.44 11.96 26.62
C PRO A 203 18.77 12.96 25.53
N GLU A 204 19.78 12.67 24.74
CA GLU A 204 20.16 13.54 23.63
C GLU A 204 19.29 13.15 22.44
N ILE A 205 19.11 11.84 22.25
CA ILE A 205 18.28 11.30 21.16
C ILE A 205 16.85 11.79 21.30
N GLU A 206 16.35 11.75 22.53
CA GLU A 206 14.99 12.18 22.83
C GLU A 206 14.75 13.57 22.29
N GLN A 207 15.62 14.52 22.64
CA GLN A 207 15.51 15.90 22.18
C GLN A 207 15.45 16.01 20.66
N LYS A 208 16.26 15.19 19.98
CA LYS A 208 16.31 15.18 18.53
C LYS A 208 14.97 14.77 17.91
N MET A 209 14.33 13.76 18.48
CA MET A 209 13.05 13.30 17.96
C MET A 209 11.93 14.29 18.30
N LEU A 210 11.90 14.71 19.55
CA LEU A 210 10.92 15.65 20.06
C LEU A 210 11.09 17.04 19.46
N GLN A 211 12.05 17.18 18.56
CA GLN A 211 12.32 18.45 17.93
C GLN A 211 11.12 18.96 17.14
N HIS A 212 10.27 18.05 16.67
CA HIS A 212 9.11 18.48 15.90
C HIS A 212 7.75 18.06 16.36
N THR A 213 7.62 17.89 17.67
CA THR A 213 6.39 17.47 18.33
C THR A 213 5.89 18.65 19.19
N PRO A 214 4.71 19.21 18.87
CA PRO A 214 4.13 20.34 19.61
C PRO A 214 3.93 20.02 21.09
N ILE A 215 3.33 18.86 21.36
CA ILE A 215 3.11 18.38 22.71
C ILE A 215 4.43 17.67 22.98
N ARG A 216 5.40 18.44 23.43
CA ARG A 216 6.76 17.95 23.67
C ARG A 216 7.00 16.82 24.64
N ARG A 217 6.70 15.61 24.20
CA ARG A 217 6.93 14.41 25.01
C ARG A 217 6.84 13.19 24.11
N LEU A 218 7.52 12.12 24.49
CA LEU A 218 7.45 10.91 23.70
C LEU A 218 6.17 10.25 24.13
N GLY A 219 5.62 9.41 23.27
CA GLY A 219 4.38 8.74 23.62
C GLY A 219 4.60 7.56 24.51
N GLN A 220 3.54 7.13 25.18
CA GLN A 220 3.61 5.97 26.07
C GLN A 220 2.60 5.00 25.50
N PRO A 221 2.84 3.70 25.66
CA PRO A 221 1.92 2.67 25.15
C PRO A 221 0.45 3.00 25.53
N GLN A 222 0.24 3.48 26.75
CA GLN A 222 -1.11 3.79 27.20
C GLN A 222 -1.82 4.73 26.25
N ASP A 223 -1.11 5.73 25.77
CA ASP A 223 -1.68 6.67 24.83
C ASP A 223 -2.37 5.95 23.72
N ILE A 224 -1.72 4.88 23.23
CA ILE A 224 -2.27 4.08 22.14
C ILE A 224 -3.37 3.18 22.67
N ALA A 225 -3.25 2.75 23.93
CA ALA A 225 -4.26 1.89 24.52
C ALA A 225 -5.57 2.69 24.70
N ASN A 226 -5.45 3.95 25.06
CA ASN A 226 -6.65 4.76 25.25
C ASN A 226 -7.39 4.97 23.95
N ALA A 227 -6.64 5.21 22.88
CA ALA A 227 -7.22 5.45 21.58
C ALA A 227 -7.94 4.19 21.10
N ALA A 228 -7.30 3.04 21.26
CA ALA A 228 -7.88 1.75 20.87
C ALA A 228 -9.18 1.46 21.61
N LEU A 229 -9.18 1.69 22.92
CA LEU A 229 -10.37 1.45 23.72
C LEU A 229 -11.51 2.26 23.19
N PHE A 230 -11.27 3.56 22.99
CA PHE A 230 -12.32 4.41 22.45
C PHE A 230 -12.84 3.83 21.12
N LEU A 231 -11.93 3.60 20.17
CA LEU A 231 -12.31 3.09 18.87
C LEU A 231 -12.97 1.74 18.86
N CYS A 232 -12.70 0.92 19.87
CA CYS A 232 -13.33 -0.40 19.95
C CYS A 232 -14.58 -0.39 20.86
N SER A 233 -14.80 0.72 21.55
CA SER A 233 -15.93 0.84 22.45
C SER A 233 -17.18 1.26 21.72
N PRO A 234 -18.34 1.10 22.38
CA PRO A 234 -19.63 1.48 21.80
C PRO A 234 -19.74 3.00 21.58
N ALA A 235 -18.93 3.79 22.29
CA ALA A 235 -18.95 5.24 22.13
C ALA A 235 -18.58 5.63 20.69
N ALA A 236 -17.83 4.72 20.05
CA ALA A 236 -17.37 4.89 18.68
C ALA A 236 -18.16 4.02 17.71
N SER A 237 -19.45 3.83 17.96
CA SER A 237 -20.31 3.00 17.10
C SER A 237 -20.57 3.48 15.67
N TRP A 238 -20.40 4.76 15.36
CA TRP A 238 -20.61 5.20 13.98
C TRP A 238 -19.28 5.61 13.38
N VAL A 239 -18.17 5.12 13.96
CA VAL A 239 -16.85 5.44 13.46
C VAL A 239 -16.18 4.24 12.79
N SER A 240 -16.03 4.33 11.47
CA SER A 240 -15.41 3.28 10.69
C SER A 240 -14.62 3.89 9.55
N GLY A 241 -13.57 3.18 9.14
CA GLY A 241 -12.72 3.60 8.03
C GLY A 241 -11.75 4.72 8.34
N GLN A 242 -11.46 4.92 9.62
CA GLN A 242 -10.56 5.99 10.05
C GLN A 242 -9.19 5.55 10.49
N ILE A 243 -8.25 6.47 10.38
CA ILE A 243 -6.90 6.19 10.84
C ILE A 243 -6.61 7.35 11.79
N LEU A 244 -6.43 7.05 13.06
CA LEU A 244 -6.18 8.08 14.03
C LEU A 244 -4.70 8.15 14.33
N THR A 245 -4.07 9.29 14.06
CA THR A 245 -2.66 9.46 14.36
C THR A 245 -2.54 9.98 15.79
N VAL A 246 -1.73 9.31 16.58
CA VAL A 246 -1.51 9.67 17.97
C VAL A 246 -0.04 9.97 17.98
N SER A 247 0.30 11.25 17.89
CA SER A 247 1.71 11.64 17.81
C SER A 247 2.02 13.07 18.29
N GLY A 248 1.27 13.56 19.27
CA GLY A 248 1.54 14.88 19.79
C GLY A 248 1.45 16.02 18.81
N GLY A 249 0.80 15.80 17.68
CA GLY A 249 0.67 16.87 16.70
C GLY A 249 1.82 17.00 15.71
N GLY A 250 2.85 16.17 15.83
CA GLY A 250 3.97 16.28 14.91
C GLY A 250 4.61 14.96 14.58
N VAL A 251 5.85 14.98 14.11
CA VAL A 251 6.57 13.76 13.75
C VAL A 251 7.94 13.65 14.43
N GLN A 252 8.25 12.46 14.90
CA GLN A 252 9.52 12.21 15.60
C GLN A 252 10.57 11.67 14.65
N GLU A 253 11.69 12.38 14.54
CA GLU A 253 12.80 12.04 13.64
C GLU A 253 14.13 11.88 14.37
N MET B 1 12.02 31.07 -20.75
CA MET B 1 11.46 31.23 -22.12
C MET B 1 11.10 29.83 -22.62
N PHE B 2 10.01 29.72 -23.36
CA PHE B 2 9.53 28.44 -23.90
C PHE B 2 10.62 27.75 -24.70
N ASN B 3 10.91 26.50 -24.36
CA ASN B 3 11.92 25.75 -25.09
C ASN B 3 11.40 24.36 -25.46
N SER B 4 10.97 24.25 -26.71
CA SER B 4 10.40 23.04 -27.27
C SER B 4 11.25 21.78 -27.15
N ASP B 5 12.56 21.92 -27.08
CA ASP B 5 13.39 20.75 -26.97
C ASP B 5 13.28 20.12 -25.60
N ASN B 6 12.96 20.93 -24.59
CA ASN B 6 12.79 20.42 -23.23
C ASN B 6 11.61 19.49 -23.17
N LEU B 7 10.68 19.66 -24.09
CA LEU B 7 9.50 18.82 -24.16
C LEU B 7 9.67 17.60 -25.08
N ARG B 8 10.92 17.25 -25.42
CA ARG B 8 11.20 16.10 -26.30
C ARG B 8 12.17 15.14 -25.62
N LEU B 9 12.19 13.87 -26.05
CA LEU B 9 13.07 12.87 -25.44
C LEU B 9 14.16 12.36 -26.36
N ASP B 10 14.71 13.25 -27.17
CA ASP B 10 15.75 12.89 -28.12
C ASP B 10 16.92 12.09 -27.56
N GLY B 11 17.08 10.88 -28.05
CA GLY B 11 18.21 10.07 -27.62
C GLY B 11 18.06 9.48 -26.26
N LYS B 12 16.82 9.44 -25.79
CA LYS B 12 16.53 8.86 -24.50
C LYS B 12 16.13 7.43 -24.80
N CYS B 13 16.46 6.54 -23.89
CA CYS B 13 16.13 5.16 -24.07
C CYS B 13 15.14 4.83 -22.98
N ALA B 14 13.98 4.38 -23.41
CA ALA B 14 12.88 4.04 -22.50
C ALA B 14 12.47 2.59 -22.62
N ILE B 15 12.11 2.00 -21.47
CA ILE B 15 11.62 0.63 -21.37
C ILE B 15 10.16 0.90 -21.00
N ILE B 16 9.22 0.15 -21.56
CA ILE B 16 7.79 0.34 -21.29
C ILE B 16 7.07 -0.99 -21.15
N THR B 17 6.58 -1.20 -19.94
CA THR B 17 5.86 -2.38 -19.54
C THR B 17 4.42 -2.38 -20.10
N GLY B 18 3.85 -3.56 -20.38
CA GLY B 18 2.49 -3.68 -20.92
C GLY B 18 2.18 -2.73 -22.07
N ALA B 19 3.10 -2.62 -23.04
CA ALA B 19 2.93 -1.67 -24.14
C ALA B 19 2.31 -2.20 -25.40
N GLY B 20 1.73 -3.38 -25.32
CA GLY B 20 1.10 -3.94 -26.49
C GLY B 20 -0.23 -3.27 -26.78
N ALA B 21 -0.91 -2.76 -25.76
CA ALA B 21 -2.22 -2.14 -25.95
C ALA B 21 -2.52 -0.95 -25.04
N GLY B 22 -3.69 -0.36 -25.26
CA GLY B 22 -4.17 0.77 -24.49
C GLY B 22 -3.19 1.87 -24.15
N ILE B 23 -3.14 2.21 -22.87
CA ILE B 23 -2.27 3.26 -22.36
C ILE B 23 -0.79 3.07 -22.72
N GLY B 24 -0.22 1.91 -22.40
CA GLY B 24 1.17 1.64 -22.69
C GLY B 24 1.54 1.75 -24.16
N LYS B 25 0.71 1.22 -25.04
CA LYS B 25 0.97 1.33 -26.46
C LYS B 25 1.10 2.78 -26.88
N GLU B 26 0.17 3.63 -26.46
CA GLU B 26 0.19 5.05 -26.81
C GLU B 26 1.37 5.84 -26.23
N ILE B 27 1.83 5.47 -25.04
CA ILE B 27 2.99 6.12 -24.40
C ILE B 27 4.22 5.69 -25.22
N ALA B 28 4.19 4.44 -25.69
CA ALA B 28 5.28 3.94 -26.51
C ALA B 28 5.37 4.76 -27.81
N ILE B 29 4.25 4.90 -28.50
CA ILE B 29 4.21 5.67 -29.74
C ILE B 29 4.46 7.18 -29.56
N THR B 30 3.96 7.75 -28.47
CA THR B 30 4.17 9.17 -28.24
C THR B 30 5.64 9.43 -27.86
N PHE B 31 6.20 8.55 -27.03
CA PHE B 31 7.59 8.65 -26.63
C PHE B 31 8.50 8.52 -27.85
N ALA B 32 8.38 7.42 -28.58
CA ALA B 32 9.19 7.16 -29.77
C ALA B 32 9.08 8.30 -30.80
N THR B 33 7.89 8.86 -30.89
CA THR B 33 7.65 9.94 -31.81
C THR B 33 8.21 11.24 -31.26
N ALA B 34 8.51 11.28 -29.97
CA ALA B 34 9.09 12.47 -29.39
C ALA B 34 10.61 12.33 -29.31
N GLY B 35 11.17 11.33 -29.99
CA GLY B 35 12.62 11.19 -30.05
C GLY B 35 13.41 10.13 -29.29
N ALA B 36 12.71 9.33 -28.50
CA ALA B 36 13.40 8.32 -27.73
C ALA B 36 13.30 6.95 -28.37
N SER B 37 14.26 6.09 -28.06
CA SER B 37 14.25 4.72 -28.58
C SER B 37 13.54 3.95 -27.47
N VAL B 38 12.63 3.06 -27.84
CA VAL B 38 11.84 2.35 -26.86
C VAL B 38 11.86 0.84 -26.94
N VAL B 39 11.77 0.19 -25.79
CA VAL B 39 11.65 -1.24 -25.75
C VAL B 39 10.18 -1.43 -25.36
N VAL B 40 9.45 -2.20 -26.16
CA VAL B 40 8.06 -2.48 -25.90
C VAL B 40 8.02 -3.84 -25.26
N SER B 41 7.56 -3.89 -24.04
CA SER B 41 7.48 -5.16 -23.37
C SER B 41 6.02 -5.55 -23.19
N ASP B 42 5.75 -6.85 -23.09
CA ASP B 42 4.38 -7.29 -22.93
C ASP B 42 4.32 -8.78 -22.82
N ILE B 43 3.32 -9.24 -22.10
CA ILE B 43 3.14 -10.64 -21.94
C ILE B 43 2.64 -11.18 -23.29
N ASN B 44 2.24 -10.27 -24.18
CA ASN B 44 1.76 -10.62 -25.52
C ASN B 44 2.73 -10.09 -26.61
N ALA B 45 3.63 -10.98 -27.02
CA ALA B 45 4.64 -10.65 -28.03
C ALA B 45 4.03 -10.28 -29.36
N ASP B 46 2.91 -10.89 -29.71
CA ASP B 46 2.25 -10.51 -30.95
C ASP B 46 1.94 -9.03 -30.87
N ALA B 47 1.27 -8.63 -29.79
CA ALA B 47 0.91 -7.23 -29.57
C ALA B 47 2.14 -6.32 -29.55
N ALA B 48 3.17 -6.75 -28.82
CA ALA B 48 4.38 -5.93 -28.71
C ALA B 48 5.00 -5.69 -30.07
N ASN B 49 5.14 -6.77 -30.83
CA ASN B 49 5.71 -6.69 -32.15
C ASN B 49 4.92 -5.80 -33.11
N HIS B 50 3.60 -5.86 -33.04
CA HIS B 50 2.78 -5.02 -33.90
C HIS B 50 3.03 -3.56 -33.57
N VAL B 51 3.11 -3.26 -32.28
CA VAL B 51 3.34 -1.90 -31.86
C VAL B 51 4.72 -1.44 -32.36
N VAL B 52 5.72 -2.33 -32.29
CA VAL B 52 7.07 -1.99 -32.76
C VAL B 52 7.04 -1.68 -34.25
N ASP B 53 6.38 -2.53 -35.02
CA ASP B 53 6.27 -2.30 -36.45
C ASP B 53 5.71 -0.90 -36.70
N GLU B 54 4.55 -0.64 -36.10
CA GLU B 54 3.86 0.63 -36.24
C GLU B 54 4.74 1.82 -35.86
N ILE B 55 5.60 1.65 -34.85
CA ILE B 55 6.49 2.72 -34.43
C ILE B 55 7.52 3.02 -35.52
N GLN B 56 8.09 1.95 -36.08
CA GLN B 56 9.10 2.04 -37.13
C GLN B 56 8.56 2.66 -38.39
N GLN B 57 7.27 2.42 -38.64
CA GLN B 57 6.61 2.95 -39.79
C GLN B 57 6.62 4.48 -39.67
N LEU B 58 6.44 4.98 -38.44
CA LEU B 58 6.43 6.42 -38.18
C LEU B 58 7.85 6.96 -38.13
N GLY B 59 8.82 6.10 -38.42
CA GLY B 59 10.20 6.51 -38.41
C GLY B 59 10.89 6.53 -37.05
N GLY B 60 10.35 5.81 -36.06
CA GLY B 60 10.97 5.79 -34.76
C GLY B 60 11.67 4.46 -34.54
N GLN B 61 12.59 4.40 -33.59
CA GLN B 61 13.31 3.16 -33.31
C GLN B 61 12.70 2.47 -32.09
N ALA B 62 12.42 1.19 -32.22
CA ALA B 62 11.81 0.44 -31.14
C ALA B 62 12.13 -1.06 -31.23
N PHE B 63 12.06 -1.76 -30.10
CA PHE B 63 12.36 -3.19 -30.01
C PHE B 63 11.33 -3.85 -29.14
N ALA B 64 11.04 -5.12 -29.42
CA ALA B 64 10.03 -5.86 -28.68
C ALA B 64 10.55 -7.03 -27.89
N CYS B 65 10.02 -7.18 -26.68
CA CYS B 65 10.39 -8.26 -25.79
C CYS B 65 9.12 -8.73 -25.12
N ARG B 66 8.90 -10.03 -25.11
CA ARG B 66 7.72 -10.57 -24.47
C ARG B 66 8.16 -10.73 -23.04
N CYS B 67 7.64 -9.92 -22.13
CA CYS B 67 8.01 -10.03 -20.72
C CYS B 67 6.82 -10.11 -19.80
N ASP B 68 6.79 -11.09 -18.91
CA ASP B 68 5.71 -11.21 -17.94
C ASP B 68 6.23 -10.60 -16.66
N ILE B 69 5.77 -9.40 -16.33
CA ILE B 69 6.24 -8.70 -15.14
C ILE B 69 6.13 -9.42 -13.79
N THR B 70 5.33 -10.49 -13.74
CA THR B 70 5.17 -11.19 -12.47
C THR B 70 6.29 -12.19 -12.23
N SER B 71 7.26 -12.24 -13.14
CA SER B 71 8.38 -13.15 -13.05
C SER B 71 9.66 -12.36 -12.76
N GLU B 72 10.34 -12.72 -11.68
CA GLU B 72 11.59 -12.02 -11.33
C GLU B 72 12.62 -12.28 -12.43
N GLN B 73 12.65 -13.51 -12.91
CA GLN B 73 13.58 -13.93 -13.94
C GLN B 73 13.34 -13.15 -15.19
N GLU B 74 12.06 -13.03 -15.55
CA GLU B 74 11.68 -12.30 -16.75
C GLU B 74 11.90 -10.82 -16.65
N LEU B 75 11.91 -10.29 -15.44
CA LEU B 75 12.16 -8.87 -15.28
C LEU B 75 13.64 -8.57 -15.53
N SER B 76 14.53 -9.45 -15.07
CA SER B 76 15.98 -9.28 -15.26
C SER B 76 16.24 -9.43 -16.73
N ALA B 77 15.56 -10.41 -17.33
CA ALA B 77 15.71 -10.68 -18.76
C ALA B 77 15.28 -9.47 -19.59
N LEU B 78 14.34 -8.68 -19.08
CA LEU B 78 13.85 -7.50 -19.76
C LEU B 78 14.92 -6.43 -19.64
N ALA B 79 15.49 -6.29 -18.46
CA ALA B 79 16.51 -5.28 -18.28
C ALA B 79 17.73 -5.57 -19.15
N ASP B 80 18.19 -6.82 -19.19
CA ASP B 80 19.34 -7.17 -20.02
C ASP B 80 19.07 -6.87 -21.49
N PHE B 81 17.89 -7.23 -21.98
CA PHE B 81 17.50 -6.99 -23.37
C PHE B 81 17.52 -5.52 -23.73
N ALA B 82 17.14 -4.67 -22.78
CA ALA B 82 17.13 -3.25 -23.05
C ALA B 82 18.55 -2.74 -23.06
N ILE B 83 19.36 -3.24 -22.15
CA ILE B 83 20.75 -2.81 -22.05
C ILE B 83 21.43 -3.23 -23.33
N SER B 84 21.05 -4.41 -23.80
CA SER B 84 21.60 -5.01 -25.00
C SER B 84 21.19 -4.32 -26.30
N LYS B 85 19.92 -3.97 -26.42
CA LYS B 85 19.41 -3.33 -27.63
C LYS B 85 19.54 -1.83 -27.70
N LEU B 86 19.28 -1.12 -26.60
CA LEU B 86 19.34 0.35 -26.60
C LEU B 86 20.68 0.90 -26.15
N GLY B 87 21.44 0.12 -25.38
CA GLY B 87 22.73 0.59 -24.93
C GLY B 87 22.72 1.25 -23.56
N LYS B 88 21.63 1.91 -23.21
CA LYS B 88 21.51 2.56 -21.91
C LYS B 88 20.04 2.64 -21.60
N VAL B 89 19.72 3.07 -20.39
CA VAL B 89 18.33 3.23 -20.01
C VAL B 89 18.14 4.57 -19.29
N ASP B 90 17.29 5.44 -19.82
CA ASP B 90 17.05 6.73 -19.18
C ASP B 90 15.64 6.86 -18.57
N ILE B 91 14.68 6.09 -19.07
CA ILE B 91 13.31 6.22 -18.63
C ILE B 91 12.69 4.86 -18.47
N LEU B 92 11.96 4.64 -17.39
CA LEU B 92 11.27 3.36 -17.20
C LEU B 92 9.81 3.77 -17.03
N VAL B 93 8.91 3.26 -17.87
CA VAL B 93 7.49 3.56 -17.72
C VAL B 93 6.84 2.25 -17.32
N ASN B 94 6.59 2.08 -16.02
CA ASN B 94 5.99 0.87 -15.52
C ASN B 94 4.48 0.97 -15.73
N ASN B 95 4.01 0.51 -16.88
CA ASN B 95 2.61 0.60 -17.16
C ASN B 95 1.79 -0.63 -16.80
N ALA B 96 2.28 -1.83 -17.11
CA ALA B 96 1.48 -3.03 -16.80
C ALA B 96 1.12 -3.17 -15.32
N GLY B 97 0.38 -4.22 -15.00
CA GLY B 97 -0.05 -4.44 -13.64
C GLY B 97 -1.55 -4.36 -13.70
N GLY B 98 -2.24 -4.62 -12.60
CA GLY B 98 -3.69 -4.55 -12.65
C GLY B 98 -4.43 -5.08 -11.44
N GLY B 99 -5.41 -5.93 -11.71
CA GLY B 99 -6.26 -6.50 -10.68
C GLY B 99 -7.56 -5.71 -10.78
N GLY B 100 -8.62 -6.12 -10.09
CA GLY B 100 -9.85 -5.36 -10.19
C GLY B 100 -10.76 -5.72 -9.04
N PRO B 101 -12.06 -5.41 -9.14
CA PRO B 101 -13.02 -5.73 -8.09
C PRO B 101 -12.99 -7.21 -7.68
N LYS B 102 -12.84 -7.44 -6.39
CA LYS B 102 -12.77 -8.79 -5.85
C LYS B 102 -13.60 -8.87 -4.57
N PRO B 103 -14.24 -10.02 -4.32
CA PRO B 103 -15.07 -10.22 -3.13
C PRO B 103 -14.18 -10.21 -1.92
N PHE B 104 -14.70 -9.80 -0.77
CA PHE B 104 -13.88 -9.76 0.44
C PHE B 104 -13.34 -11.16 0.70
N ASP B 105 -14.14 -12.16 0.32
CA ASP B 105 -13.79 -13.56 0.54
C ASP B 105 -12.95 -14.16 -0.58
N MET B 106 -12.24 -13.32 -1.32
CA MET B 106 -11.41 -13.83 -2.42
C MET B 106 -10.32 -14.74 -1.85
N PRO B 107 -9.76 -15.63 -2.67
CA PRO B 107 -8.69 -16.53 -2.21
C PRO B 107 -7.44 -15.68 -2.05
N MET B 108 -6.64 -15.97 -1.03
CA MET B 108 -5.44 -15.19 -0.79
C MET B 108 -4.54 -15.14 -2.00
N ALA B 109 -4.58 -16.19 -2.80
CA ALA B 109 -3.80 -16.25 -4.02
C ALA B 109 -4.16 -15.00 -4.83
N ASP B 110 -5.45 -14.75 -5.04
CA ASP B 110 -5.91 -13.57 -5.78
C ASP B 110 -5.51 -12.26 -5.14
N PHE B 111 -5.50 -12.24 -3.80
CA PHE B 111 -5.13 -11.04 -3.08
C PHE B 111 -3.67 -10.68 -3.29
N ARG B 112 -2.80 -11.64 -2.98
CA ARG B 112 -1.37 -11.43 -3.10
C ARG B 112 -1.03 -11.01 -4.53
N ARG B 113 -1.67 -11.66 -5.49
CA ARG B 113 -1.45 -11.40 -6.90
C ARG B 113 -1.58 -9.94 -7.31
N ALA B 114 -2.49 -9.21 -6.68
CA ALA B 114 -2.64 -7.82 -7.04
C ALA B 114 -1.34 -7.11 -6.65
N TYR B 115 -0.65 -7.64 -5.65
CA TYR B 115 0.60 -7.07 -5.16
C TYR B 115 1.74 -7.41 -6.11
N GLU B 116 1.64 -8.58 -6.74
CA GLU B 116 2.62 -9.03 -7.72
C GLU B 116 2.55 -8.10 -8.92
N LEU B 117 1.33 -7.86 -9.35
CA LEU B 117 1.07 -6.99 -10.47
C LEU B 117 1.43 -5.54 -10.25
N ASN B 118 1.02 -4.95 -9.13
CA ASN B 118 1.31 -3.53 -8.95
C ASN B 118 2.43 -3.11 -8.01
N VAL B 119 2.84 -3.99 -7.10
CA VAL B 119 3.85 -3.57 -6.15
C VAL B 119 5.23 -4.21 -6.33
N PHE B 120 5.32 -5.51 -6.08
CA PHE B 120 6.59 -6.21 -6.17
C PHE B 120 7.28 -6.10 -7.52
N SER B 121 6.49 -6.18 -8.60
CA SER B 121 7.02 -6.10 -9.96
C SER B 121 7.67 -4.75 -10.17
N PHE B 122 6.87 -3.71 -9.92
CA PHE B 122 7.29 -2.33 -10.05
C PHE B 122 8.54 -2.06 -9.27
N PHE B 123 8.62 -2.53 -8.03
CA PHE B 123 9.80 -2.27 -7.21
C PHE B 123 11.04 -2.95 -7.75
N HIS B 124 10.94 -4.25 -7.99
CA HIS B 124 12.08 -5.00 -8.51
C HIS B 124 12.65 -4.37 -9.78
N LEU B 125 11.83 -4.22 -10.81
CA LEU B 125 12.30 -3.60 -12.04
C LEU B 125 13.02 -2.26 -11.73
N SER B 126 12.52 -1.50 -10.77
CA SER B 126 13.19 -0.26 -10.40
C SER B 126 14.59 -0.59 -9.91
N GLN B 127 14.72 -1.64 -9.10
CA GLN B 127 16.02 -2.05 -8.61
C GLN B 127 16.89 -2.40 -9.79
N LEU B 128 16.34 -3.12 -10.76
CA LEU B 128 17.12 -3.53 -11.93
C LEU B 128 17.67 -2.41 -12.78
N VAL B 129 16.84 -1.41 -13.07
CA VAL B 129 17.25 -0.29 -13.92
C VAL B 129 17.89 0.90 -13.24
N ALA B 130 17.81 0.95 -11.93
CA ALA B 130 18.37 2.07 -11.18
C ALA B 130 19.87 2.24 -11.44
N PRO B 131 20.66 1.17 -11.26
CA PRO B 131 22.11 1.18 -11.46
C PRO B 131 22.51 1.65 -12.85
N GLU B 132 21.68 1.36 -13.85
CA GLU B 132 21.95 1.78 -15.22
C GLU B 132 21.64 3.25 -15.42
N MET B 133 20.64 3.75 -14.70
CA MET B 133 20.27 5.14 -14.85
C MET B 133 21.31 6.02 -14.22
N GLU B 134 21.80 5.61 -13.06
CA GLU B 134 22.79 6.44 -12.41
C GLU B 134 24.07 6.57 -13.17
N LYS B 135 24.46 5.53 -13.90
CA LYS B 135 25.68 5.67 -14.64
C LYS B 135 25.57 6.60 -15.87
N ASN B 136 24.33 6.90 -16.26
CA ASN B 136 24.09 7.82 -17.38
C ASN B 136 24.01 9.21 -16.75
N GLY B 137 24.01 9.28 -15.42
CA GLY B 137 23.92 10.57 -14.75
C GLY B 137 22.53 10.95 -14.24
N GLY B 138 21.52 10.14 -14.54
CA GLY B 138 20.17 10.43 -14.11
C GLY B 138 19.14 9.52 -14.74
N GLY B 139 17.87 9.83 -14.55
CA GLY B 139 16.79 9.03 -15.11
C GLY B 139 15.43 9.47 -14.61
N VAL B 140 14.37 8.77 -15.04
CA VAL B 140 13.00 9.04 -14.61
C VAL B 140 12.25 7.75 -14.63
N ILE B 141 11.66 7.38 -13.49
CA ILE B 141 10.86 6.17 -13.38
C ILE B 141 9.47 6.75 -13.25
N LEU B 142 8.49 6.12 -13.89
CA LEU B 142 7.12 6.63 -13.90
C LEU B 142 6.19 5.43 -13.84
N THR B 143 5.23 5.43 -12.91
CA THR B 143 4.24 4.33 -12.80
C THR B 143 2.82 4.73 -13.16
N ILE B 144 2.08 3.76 -13.67
CA ILE B 144 0.67 3.99 -13.96
C ILE B 144 -0.10 3.37 -12.77
N THR B 145 -0.44 4.23 -11.83
CA THR B 145 -1.15 3.81 -10.64
C THR B 145 -2.66 3.81 -10.86
N SER B 146 -3.46 4.27 -9.91
CA SER B 146 -4.90 4.24 -10.09
C SER B 146 -5.64 5.16 -9.12
N MET B 147 -6.87 5.55 -9.49
CA MET B 147 -7.69 6.38 -8.62
C MET B 147 -8.17 5.52 -7.45
N ALA B 148 -8.16 4.19 -7.60
CA ALA B 148 -8.57 3.30 -6.51
C ALA B 148 -7.60 3.45 -5.34
N ALA B 149 -6.42 4.01 -5.61
CA ALA B 149 -5.39 4.23 -4.61
C ALA B 149 -5.77 5.35 -3.66
N GLU B 150 -6.68 6.20 -4.10
CA GLU B 150 -7.13 7.33 -3.31
C GLU B 150 -8.59 7.15 -2.90
N ASN B 151 -9.35 6.33 -3.62
CA ASN B 151 -10.76 6.13 -3.28
C ASN B 151 -11.04 4.98 -2.37
N LYS B 152 -12.33 4.86 -2.03
CA LYS B 152 -12.83 3.85 -1.12
C LYS B 152 -14.11 3.31 -1.67
N ASN B 153 -14.26 1.99 -1.62
CA ASN B 153 -15.46 1.40 -2.13
C ASN B 153 -15.52 -0.07 -1.80
N ILE B 154 -16.65 -0.68 -2.17
CA ILE B 154 -16.83 -2.10 -1.91
C ILE B 154 -16.24 -2.94 -3.04
N ASN B 155 -15.67 -4.10 -2.69
CA ASN B 155 -15.07 -4.99 -3.65
C ASN B 155 -13.77 -4.43 -4.24
N MET B 156 -12.96 -3.77 -3.40
CA MET B 156 -11.71 -3.18 -3.88
C MET B 156 -10.55 -3.42 -2.93
N THR B 157 -10.70 -4.34 -1.97
CA THR B 157 -9.62 -4.58 -1.01
C THR B 157 -8.20 -4.77 -1.56
N SER B 158 -8.02 -5.71 -2.47
CA SER B 158 -6.71 -6.01 -3.09
C SER B 158 -6.25 -4.92 -4.06
N TYR B 159 -7.07 -4.72 -5.06
CA TYR B 159 -6.83 -3.74 -6.10
C TYR B 159 -6.47 -2.36 -5.55
N ALA B 160 -7.31 -1.81 -4.70
CA ALA B 160 -7.06 -0.49 -4.14
C ALA B 160 -5.91 -0.42 -3.16
N SER B 161 -5.73 -1.43 -2.32
CA SER B 161 -4.61 -1.36 -1.38
C SER B 161 -3.23 -1.43 -2.08
N SER B 162 -3.11 -2.27 -3.09
CA SER B 162 -1.86 -2.42 -3.86
C SER B 162 -1.52 -1.16 -4.65
N LYS B 163 -2.53 -0.53 -5.23
CA LYS B 163 -2.27 0.71 -5.94
C LYS B 163 -1.90 1.79 -4.91
N ALA B 164 -2.42 1.67 -3.69
CA ALA B 164 -2.07 2.63 -2.63
C ALA B 164 -0.62 2.39 -2.25
N ALA B 165 -0.21 1.12 -2.17
CA ALA B 165 1.15 0.78 -1.82
C ALA B 165 2.12 1.37 -2.87
N ALA B 166 1.78 1.15 -4.14
CA ALA B 166 2.56 1.63 -5.27
C ALA B 166 2.69 3.14 -5.28
N SER B 167 1.60 3.83 -4.97
CA SER B 167 1.59 5.30 -4.93
C SER B 167 2.44 5.88 -3.83
N HIS B 168 2.47 5.21 -2.68
CA HIS B 168 3.29 5.71 -1.58
C HIS B 168 4.73 5.26 -1.83
N LEU B 169 4.91 4.22 -2.65
CA LEU B 169 6.26 3.75 -3.01
C LEU B 169 6.91 4.90 -3.79
N VAL B 170 6.16 5.47 -4.72
CA VAL B 170 6.63 6.60 -5.51
C VAL B 170 7.19 7.71 -4.61
N ARG B 171 6.42 8.10 -3.60
CA ARG B 171 6.85 9.16 -2.67
C ARG B 171 8.11 8.86 -1.88
N ASN B 172 8.25 7.63 -1.46
CA ASN B 172 9.40 7.28 -0.66
C ASN B 172 10.61 6.99 -1.52
N MET B 173 10.40 6.25 -2.60
CA MET B 173 11.44 5.88 -3.55
C MET B 173 12.09 7.14 -4.09
N ALA B 174 11.32 8.23 -4.19
CA ALA B 174 11.87 9.48 -4.69
C ALA B 174 13.01 9.94 -3.81
N PHE B 175 13.00 9.55 -2.54
CA PHE B 175 14.08 9.95 -1.66
C PHE B 175 15.34 9.17 -1.96
N ASP B 176 15.26 7.85 -1.88
CA ASP B 176 16.39 6.99 -2.15
C ASP B 176 17.10 7.32 -3.45
N LEU B 177 16.37 7.28 -4.55
CA LEU B 177 16.91 7.53 -5.88
C LEU B 177 17.19 9.00 -6.19
N GLY B 178 16.74 9.91 -5.34
CA GLY B 178 17.00 11.31 -5.62
C GLY B 178 18.46 11.69 -5.63
N GLU B 179 19.28 10.93 -4.91
CA GLU B 179 20.72 11.22 -4.84
C GLU B 179 21.44 10.76 -6.07
N LYS B 180 20.77 9.96 -6.88
CA LYS B 180 21.32 9.42 -8.12
C LYS B 180 20.63 10.11 -9.31
N ASN B 181 20.19 11.34 -9.08
CA ASN B 181 19.49 12.15 -10.08
C ASN B 181 18.35 11.41 -10.80
N ILE B 182 17.69 10.50 -10.10
CA ILE B 182 16.56 9.79 -10.68
C ILE B 182 15.27 10.36 -10.09
N ARG B 183 14.33 10.72 -10.95
CA ARG B 183 13.06 11.28 -10.51
C ARG B 183 12.01 10.20 -10.60
N VAL B 184 11.10 10.15 -9.64
CA VAL B 184 10.06 9.14 -9.64
C VAL B 184 8.74 9.83 -9.52
N ASN B 185 7.80 9.44 -10.38
CA ASN B 185 6.46 10.00 -10.36
C ASN B 185 5.50 8.92 -10.81
N GLY B 186 4.22 9.23 -10.79
CA GLY B 186 3.21 8.28 -11.20
C GLY B 186 2.02 9.03 -11.75
N ILE B 187 1.13 8.30 -12.40
CA ILE B 187 -0.06 8.94 -12.95
C ILE B 187 -1.23 8.08 -12.59
N ALA B 188 -2.30 8.74 -12.12
CA ALA B 188 -3.53 8.06 -11.74
C ALA B 188 -4.57 8.35 -12.83
N PRO B 189 -4.75 7.43 -13.78
CA PRO B 189 -5.73 7.70 -14.84
C PRO B 189 -7.16 7.35 -14.47
N GLY B 190 -8.11 8.12 -15.02
CA GLY B 190 -9.51 7.86 -14.78
C GLY B 190 -9.98 6.75 -15.70
N ALA B 191 -11.21 6.87 -16.18
CA ALA B 191 -11.78 5.88 -17.07
C ALA B 191 -11.27 6.26 -18.43
N ILE B 192 -10.27 5.51 -18.89
CA ILE B 192 -9.68 5.70 -20.22
C ILE B 192 -10.32 4.73 -21.22
N LEU B 193 -10.85 5.26 -22.32
CA LEU B 193 -11.49 4.49 -23.37
C LEU B 193 -10.47 3.87 -24.32
N THR B 194 -9.94 2.73 -23.90
CA THR B 194 -8.97 1.98 -24.68
C THR B 194 -9.73 1.00 -25.60
N ASP B 195 -9.13 0.65 -26.74
CA ASP B 195 -9.76 -0.25 -27.73
C ASP B 195 -10.61 -1.42 -27.27
N ALA B 196 -10.39 -1.90 -26.06
CA ALA B 196 -11.16 -3.01 -25.50
C ALA B 196 -12.51 -2.45 -25.06
N LEU B 197 -12.50 -1.67 -23.97
CA LEU B 197 -13.71 -1.05 -23.42
C LEU B 197 -14.46 -0.39 -24.56
N LYS B 198 -13.72 0.23 -25.47
CA LYS B 198 -14.27 0.93 -26.64
C LYS B 198 -15.42 0.16 -27.33
N SER B 199 -15.38 -1.17 -27.23
CA SER B 199 -16.42 -2.02 -27.82
C SER B 199 -17.29 -2.72 -26.78
N VAL B 200 -16.85 -2.70 -25.53
CA VAL B 200 -17.60 -3.32 -24.42
C VAL B 200 -18.55 -2.25 -23.84
N ILE B 201 -18.23 -1.00 -24.12
CA ILE B 201 -18.99 0.14 -23.63
C ILE B 201 -20.25 0.35 -24.48
N THR B 202 -21.32 0.80 -23.85
CA THR B 202 -22.57 1.08 -24.56
C THR B 202 -22.93 2.51 -24.16
N PRO B 203 -23.31 3.35 -25.15
CA PRO B 203 -23.68 4.76 -24.94
C PRO B 203 -24.50 5.00 -23.67
N GLU B 204 -25.23 3.98 -23.25
CA GLU B 204 -26.01 4.07 -22.04
C GLU B 204 -24.99 4.11 -20.89
N ILE B 205 -24.24 3.01 -20.74
CA ILE B 205 -23.22 2.88 -19.69
C ILE B 205 -22.34 4.11 -19.56
N GLU B 206 -22.06 4.74 -20.70
CA GLU B 206 -21.21 5.91 -20.74
C GLU B 206 -21.78 7.11 -19.99
N GLN B 207 -23.06 7.39 -20.19
CA GLN B 207 -23.71 8.53 -19.53
C GLN B 207 -23.74 8.36 -18.01
N LYS B 208 -23.43 7.16 -17.56
CA LYS B 208 -23.42 6.87 -16.14
C LYS B 208 -22.06 7.19 -15.49
N MET B 209 -20.96 6.73 -16.08
CA MET B 209 -19.63 6.98 -15.53
C MET B 209 -19.36 8.47 -15.52
N LEU B 210 -19.74 9.08 -16.63
CA LEU B 210 -19.57 10.50 -16.88
C LEU B 210 -20.45 11.38 -16.00
N GLN B 211 -21.35 10.74 -15.26
CA GLN B 211 -22.28 11.45 -14.39
C GLN B 211 -21.63 12.37 -13.38
N HIS B 212 -20.42 12.06 -12.94
CA HIS B 212 -19.75 12.91 -11.95
C HIS B 212 -18.39 13.46 -12.37
N THR B 213 -18.20 13.58 -13.67
CA THR B 213 -16.95 14.09 -14.22
C THR B 213 -17.19 15.48 -14.79
N PRO B 214 -16.54 16.50 -14.22
CA PRO B 214 -16.72 17.87 -14.69
C PRO B 214 -16.45 18.03 -16.19
N ILE B 215 -15.32 17.54 -16.67
CA ILE B 215 -14.99 17.62 -18.09
C ILE B 215 -15.63 16.36 -18.66
N ARG B 216 -16.89 16.49 -19.02
CA ARG B 216 -17.75 15.41 -19.49
C ARG B 216 -17.46 14.62 -20.77
N ARG B 217 -16.38 13.86 -20.72
CA ARG B 217 -15.98 13.00 -21.83
C ARG B 217 -15.00 12.01 -21.20
N LEU B 218 -15.08 10.75 -21.66
CA LEU B 218 -14.20 9.70 -21.16
C LEU B 218 -12.76 10.04 -21.63
N GLY B 219 -11.78 9.51 -20.92
CA GLY B 219 -10.41 9.78 -21.28
C GLY B 219 -9.95 8.97 -22.49
N GLN B 220 -8.98 9.50 -23.21
CA GLN B 220 -8.41 8.81 -24.34
C GLN B 220 -6.98 8.52 -23.92
N PRO B 221 -6.39 7.45 -24.47
CA PRO B 221 -5.02 7.05 -24.15
C PRO B 221 -4.02 8.17 -24.35
N GLN B 222 -4.35 9.11 -25.22
CA GLN B 222 -3.43 10.20 -25.48
C GLN B 222 -3.25 11.09 -24.27
N ASP B 223 -4.34 11.33 -23.54
CA ASP B 223 -4.29 12.17 -22.34
C ASP B 223 -3.23 11.68 -21.37
N ILE B 224 -3.14 10.36 -21.22
CA ILE B 224 -2.17 9.77 -20.32
C ILE B 224 -0.78 9.83 -20.92
N ALA B 225 -0.70 9.57 -22.22
CA ALA B 225 0.59 9.61 -22.90
C ALA B 225 1.15 11.02 -22.86
N ASN B 226 0.28 12.02 -22.86
CA ASN B 226 0.65 13.44 -22.82
C ASN B 226 1.30 13.85 -21.51
N ALA B 227 0.76 13.33 -20.40
CA ALA B 227 1.26 13.62 -19.07
C ALA B 227 2.51 12.82 -18.80
N ALA B 228 2.58 11.61 -19.36
CA ALA B 228 3.78 10.81 -19.15
C ALA B 228 4.98 11.48 -19.87
N LEU B 229 4.73 12.01 -21.06
CA LEU B 229 5.78 12.67 -21.82
C LEU B 229 6.32 13.82 -20.99
N PHE B 230 5.43 14.71 -20.58
CA PHE B 230 5.82 15.87 -19.79
C PHE B 230 6.58 15.39 -18.54
N LEU B 231 5.96 14.49 -17.78
CA LEU B 231 6.58 14.00 -16.56
C LEU B 231 7.91 13.32 -16.76
N CYS B 232 8.19 12.85 -17.97
CA CYS B 232 9.50 12.21 -18.24
C CYS B 232 10.42 13.15 -19.06
N SER B 233 9.90 14.29 -19.50
CA SER B 233 10.67 15.23 -20.29
C SER B 233 11.46 16.15 -19.37
N PRO B 234 12.58 16.68 -19.86
CA PRO B 234 13.42 17.58 -19.07
C PRO B 234 12.69 18.80 -18.52
N ALA B 235 11.55 19.14 -19.12
CA ALA B 235 10.74 20.27 -18.69
C ALA B 235 10.17 20.07 -17.27
N ALA B 236 10.12 18.83 -16.81
CA ALA B 236 9.63 18.56 -15.48
C ALA B 236 10.78 18.01 -14.67
N SER B 237 11.92 18.66 -14.76
CA SER B 237 13.13 18.21 -14.07
C SER B 237 13.18 18.43 -12.56
N TRP B 238 12.23 19.18 -12.01
CA TRP B 238 12.24 19.40 -10.58
C TRP B 238 10.95 18.90 -9.96
N VAL B 239 10.30 17.99 -10.68
CA VAL B 239 9.05 17.37 -10.26
C VAL B 239 9.38 15.91 -9.92
N SER B 240 9.33 15.57 -8.64
CA SER B 240 9.59 14.18 -8.28
C SER B 240 8.66 13.81 -7.14
N GLY B 241 8.37 12.52 -6.99
CA GLY B 241 7.48 12.03 -5.94
C GLY B 241 6.02 12.44 -6.06
N GLN B 242 5.63 12.87 -7.23
CA GLN B 242 4.26 13.31 -7.44
C GLN B 242 3.43 12.22 -8.08
N ILE B 243 2.11 12.32 -7.94
CA ILE B 243 1.17 11.35 -8.54
C ILE B 243 0.11 12.23 -9.15
N LEU B 244 0.10 12.36 -10.48
CA LEU B 244 -0.86 13.22 -11.16
C LEU B 244 -2.10 12.47 -11.58
N THR B 245 -3.27 13.01 -11.27
CA THR B 245 -4.50 12.35 -11.66
C THR B 245 -5.07 13.04 -12.90
N VAL B 246 -5.38 12.23 -13.90
CA VAL B 246 -5.96 12.66 -15.17
C VAL B 246 -7.33 11.96 -15.24
N SER B 247 -8.39 12.68 -14.87
CA SER B 247 -9.73 12.10 -14.85
C SER B 247 -10.81 13.12 -15.13
N GLY B 248 -10.40 14.26 -15.66
CA GLY B 248 -11.35 15.30 -16.00
C GLY B 248 -11.99 15.90 -14.77
N GLY B 249 -11.24 15.93 -13.67
CA GLY B 249 -11.73 16.52 -12.43
C GLY B 249 -12.76 15.77 -11.61
N GLY B 250 -13.00 14.50 -11.92
CA GLY B 250 -14.00 13.73 -11.19
C GLY B 250 -13.70 12.27 -11.11
N VAL B 251 -14.73 11.48 -10.86
CA VAL B 251 -14.61 10.04 -10.73
C VAL B 251 -15.66 9.37 -11.59
N GLN B 252 -15.19 8.51 -12.47
CA GLN B 252 -16.09 7.81 -13.36
C GLN B 252 -16.34 6.52 -12.66
N GLU B 253 -17.60 6.30 -12.35
CA GLU B 253 -18.03 5.09 -11.67
C GLU B 253 -17.83 3.90 -12.60
PA NAD C . 7.60 -4.71 19.23
O1A NAD C . 8.49 -5.38 18.25
O2A NAD C . 8.18 -4.09 20.46
O5B NAD C . 6.52 -5.78 19.76
C5B NAD C . 5.86 -6.64 18.83
C4B NAD C . 5.26 -7.74 19.66
O4B NAD C . 4.79 -8.69 18.69
C3B NAD C . 6.33 -8.42 20.50
O3B NAD C . 5.85 -8.98 21.72
C2B NAD C . 6.88 -9.45 19.51
O2B NAD C . 7.47 -10.52 20.26
C1B NAD C . 5.61 -9.85 18.76
N9A NAD C . 5.75 -10.36 17.38
C8A NAD C . 6.74 -10.13 16.48
N7A NAD C . 6.57 -10.81 15.35
C5A NAD C . 5.44 -11.47 15.57
C6A NAD C . 4.86 -12.36 14.67
N6A NAD C . 5.47 -12.56 13.49
N1A NAD C . 3.71 -12.97 15.06
C2A NAD C . 3.18 -12.71 16.27
N3A NAD C . 3.74 -11.85 17.14
C4A NAD C . 4.88 -11.21 16.81
O3 NAD C . 6.65 -3.62 18.45
PN NAD C . 5.67 -2.37 18.78
O1N NAD C . 6.45 -1.10 18.75
O2N NAD C . 4.93 -2.63 20.04
O5D NAD C . 4.74 -2.31 17.45
C5D NAD C . 3.47 -2.93 17.28
C4D NAD C . 2.87 -2.26 16.04
O4D NAD C . 2.95 -0.82 16.15
C3D NAD C . 3.61 -2.64 14.76
O3D NAD C . 2.67 -2.97 13.71
C2D NAD C . 4.45 -1.41 14.41
O2D NAD C . 4.64 -1.37 12.97
C1D NAD C . 3.60 -0.27 14.98
N1N NAD C . 4.33 0.97 15.34
C2N NAD C . 5.19 1.13 16.47
C3N NAD C . 5.86 2.35 16.76
C7N NAD C . 6.79 2.62 18.01
O7N NAD C . 7.38 3.71 18.12
N7N NAD C . 6.94 1.67 18.95
C4N NAD C . 5.64 3.40 15.86
C5N NAD C . 4.82 3.26 14.74
C6N NAD C . 4.16 2.06 14.49
PA NAD D . -4.56 -3.50 -20.37
O1A NAD D . -5.40 -4.53 -19.68
O2A NAD D . -4.90 -2.99 -21.74
O5B NAD D . -3.03 -4.02 -20.32
C5B NAD D . -2.07 -3.32 -21.11
C4B NAD D . -1.08 -4.31 -21.65
O4B NAD D . -0.48 -4.98 -20.53
C3B NAD D . -1.81 -5.35 -22.47
O3B NAD D . -1.19 -5.57 -23.74
C2B NAD D . -1.64 -6.59 -21.61
O2B NAD D . -1.63 -7.74 -22.42
C1B NAD D . -0.32 -6.34 -20.93
N9A NAD D . -0.03 -7.16 -19.74
C8A NAD D . -0.95 -7.65 -18.89
N7A NAD D . -0.39 -8.35 -17.90
C5A NAD D . 0.89 -8.28 -18.16
C6A NAD D . 1.86 -8.89 -17.36
N6A NAD D . 1.53 -9.63 -16.31
N1A NAD D . 3.12 -8.68 -17.76
C2A NAD D . 3.39 -7.95 -18.86
N3A NAD D . 2.47 -7.40 -19.63
C4A NAD D . 1.17 -7.55 -19.29
O3 NAD D . -4.42 -2.21 -19.43
PN NAD D . -5.03 -0.75 -19.24
O1N NAD D . -6.50 -0.93 -19.04
O2N NAD D . -4.53 0.27 -20.22
O5D NAD D . -4.27 -0.51 -17.85
C5D NAD D . -2.84 -0.39 -17.86
C4D NAD D . -2.39 0.28 -16.58
O4D NAD D . -3.18 1.46 -16.42
C3D NAD D . -2.61 -0.56 -15.34
O3D NAD D . -1.59 -0.19 -14.43
C2D NAD D . -3.96 -0.12 -14.81
O2D NAD D . -4.05 -0.17 -13.40
C1D NAD D . -3.89 1.32 -15.16
N1N NAD D . -5.25 1.88 -15.19
C2N NAD D . -6.03 1.89 -16.36
C3N NAD D . -7.29 2.52 -16.38
C7N NAD D . -8.22 2.55 -17.62
O7N NAD D . -9.36 3.00 -17.57
N7N NAD D . -7.73 2.10 -18.76
C4N NAD D . -7.72 3.13 -15.20
C5N NAD D . -6.92 3.11 -14.04
C6N NAD D . -5.68 2.48 -14.01
#